data_7UZT
#
_entry.id   7UZT
#
_cell.length_a   72.100
_cell.length_b   77.109
_cell.length_c   75.445
_cell.angle_alpha   90.000
_cell.angle_beta   110.710
_cell.angle_gamma   90.000
#
_symmetry.space_group_name_H-M   'P 1 2 1'
#
loop_
_entity.id
_entity.type
_entity.pdbx_description
1 polymer 'Capsid polyprotein VP90'
2 water water
#
_entity_poly.entity_id   1
_entity_poly.type   'polypeptide(L)'
_entity_poly.pdbx_seq_one_letter_code
;MHHHHHHHHHHSETTYTGPRSIVTPETPIGPSSYPMTPSSLVLMAGYFSGPEISDNFGKYMPLLFQQNTSKVTFRSGSHT
IKIVSMVLVDRLMWLDKHFNQYTNEPDGVFGDVGNVFVDNDNVAKVITMSGSSAPANRGATLMLCRATKNIQTFNFAATV
YIPAYKVKDGAGGKDVVLNVAQWEANKTLTYPAIPKDTYFMVVTMGGASFTIQRYVVYNEGIGDGLELPAFWGKYLSQLY
GFSWSSPTYACVTWEPIYAEEGIPHR
;
_entity_poly.pdbx_strand_id   A,B,C
#
# COMPACT_ATOMS: atom_id res chain seq x y z
N SER A 33 -17.14 14.02 12.58
CA SER A 33 -16.70 13.45 11.30
C SER A 33 -15.68 12.36 11.51
N TYR A 34 -16.12 11.14 11.20
CA TYR A 34 -15.24 9.97 11.39
C TYR A 34 -15.44 9.10 10.16
N PRO A 35 -14.74 9.38 9.06
CA PRO A 35 -14.95 8.60 7.83
C PRO A 35 -14.19 7.29 7.89
N MET A 36 -14.87 6.23 7.44
CA MET A 36 -14.16 5.02 7.12
C MET A 36 -13.32 5.21 5.85
N THR A 37 -12.17 4.55 5.83
CA THR A 37 -11.25 4.52 4.70
C THR A 37 -11.25 3.13 4.08
N PRO A 38 -10.63 2.96 2.92
CA PRO A 38 -10.46 1.59 2.38
C PRO A 38 -9.61 0.69 3.27
N SER A 39 -8.87 1.24 4.23
CA SER A 39 -8.07 0.46 5.15
C SER A 39 -8.79 0.22 6.47
N SER A 40 -9.96 0.82 6.64
CA SER A 40 -10.71 0.71 7.88
C SER A 40 -11.24 -0.70 8.07
N LEU A 41 -11.35 -1.10 9.33
CA LEU A 41 -12.13 -2.27 9.71
C LEU A 41 -13.54 -1.79 10.02
N VAL A 42 -14.51 -2.23 9.24
CA VAL A 42 -15.88 -1.75 9.34
C VAL A 42 -16.84 -2.88 9.70
N LEU A 43 -17.65 -2.65 10.73
CA LEU A 43 -18.71 -3.57 11.13
C LEU A 43 -20.05 -3.06 10.61
N MET A 44 -20.81 -3.96 10.07
CA MET A 44 -22.22 -3.73 9.77
C MET A 44 -23.06 -4.15 10.96
N ALA A 45 -23.49 -3.18 11.75
CA ALA A 45 -24.28 -3.51 12.92
C ALA A 45 -25.76 -3.25 12.66
N GLY A 46 -26.61 -4.03 13.30
CA GLY A 46 -28.04 -3.77 13.26
C GLY A 46 -28.81 -5.02 13.62
N TYR A 47 -30.10 -4.99 13.30
CA TYR A 47 -30.95 -6.17 13.48
C TYR A 47 -31.01 -6.91 12.16
N PHE A 48 -30.43 -8.10 12.15
CA PHE A 48 -30.30 -8.90 10.97
C PHE A 48 -31.49 -9.83 10.84
N SER A 49 -31.89 -10.07 9.59
CA SER A 49 -32.93 -11.05 9.29
C SER A 49 -32.57 -11.81 8.03
N GLY A 50 -32.93 -13.09 8.01
CA GLY A 50 -32.71 -13.93 6.87
C GLY A 50 -34.00 -14.23 6.16
N PRO A 51 -34.09 -15.41 5.57
CA PRO A 51 -35.28 -15.78 4.79
C PRO A 51 -36.45 -16.27 5.64
N GLU A 52 -37.65 -15.79 5.29
CA GLU A 52 -38.89 -16.44 5.75
C GLU A 52 -38.91 -17.89 5.28
N ILE A 53 -39.19 -18.80 6.21
CA ILE A 53 -39.37 -20.21 5.94
C ILE A 53 -40.70 -20.69 6.49
N GLY A 58 -37.21 -20.56 10.46
CA GLY A 58 -36.16 -20.26 11.46
C GLY A 58 -36.09 -18.78 11.68
N LYS A 59 -37.11 -18.24 12.35
CA LYS A 59 -37.07 -16.79 12.67
C LYS A 59 -36.03 -16.60 13.78
N TYR A 60 -35.14 -15.61 13.59
CA TYR A 60 -34.11 -15.28 14.60
C TYR A 60 -33.07 -16.40 14.66
N MET A 61 -33.23 -17.40 13.82
CA MET A 61 -32.22 -18.47 13.79
C MET A 61 -31.16 -18.17 12.73
N PRO A 62 -29.89 -17.91 13.07
CA PRO A 62 -28.86 -17.79 12.03
C PRO A 62 -28.77 -19.11 11.28
N LEU A 63 -29.00 -19.06 9.97
CA LEU A 63 -29.00 -20.27 9.18
C LEU A 63 -28.22 -20.09 7.89
N LEU A 64 -27.72 -21.19 7.37
CA LEU A 64 -27.18 -21.25 6.01
C LEU A 64 -28.15 -22.06 5.16
N PHE A 65 -28.05 -21.88 3.85
CA PHE A 65 -28.90 -22.64 2.92
C PHE A 65 -28.12 -23.13 1.69
N GLN A 66 -28.57 -24.24 1.13
CA GLN A 66 -27.99 -24.74 -0.12
C GLN A 66 -29.15 -24.73 -1.10
N GLN A 67 -29.17 -23.77 -2.01
CA GLN A 67 -30.27 -23.65 -2.96
C GLN A 67 -30.37 -24.90 -3.81
N ASN A 68 -31.61 -25.28 -4.13
CA ASN A 68 -31.82 -26.40 -5.04
C ASN A 68 -31.49 -26.02 -6.46
N THR A 69 -31.82 -24.77 -6.76
CA THR A 69 -31.52 -24.16 -8.08
C THR A 69 -30.51 -23.02 -7.89
N SER A 70 -30.06 -22.43 -8.98
CA SER A 70 -29.08 -21.31 -8.91
C SER A 70 -29.88 -20.01 -8.90
N LYS A 71 -30.71 -19.82 -7.89
CA LYS A 71 -31.59 -18.66 -7.92
C LYS A 71 -30.82 -17.38 -7.57
N VAL A 72 -29.97 -17.41 -6.55
CA VAL A 72 -29.26 -16.16 -6.13
C VAL A 72 -27.76 -16.46 -6.22
N THR A 73 -27.07 -15.61 -6.94
CA THR A 73 -25.67 -15.95 -7.20
C THR A 73 -24.75 -14.75 -7.16
N PHE A 74 -23.55 -14.98 -6.71
CA PHE A 74 -22.50 -13.98 -6.85
C PHE A 74 -21.85 -14.19 -8.20
N ARG A 75 -21.71 -13.12 -8.96
CA ARG A 75 -21.08 -13.20 -10.27
C ARG A 75 -19.99 -12.14 -10.40
N SER A 76 -18.90 -12.53 -11.04
CA SER A 76 -17.80 -11.64 -11.31
C SER A 76 -16.89 -12.36 -12.30
N GLY A 77 -16.56 -11.71 -13.42
CA GLY A 77 -15.79 -12.35 -14.47
C GLY A 77 -16.43 -13.64 -14.95
N SER A 78 -15.68 -14.72 -14.91
CA SER A 78 -16.18 -16.03 -15.32
C SER A 78 -16.90 -16.78 -14.19
N HIS A 79 -16.85 -16.26 -12.98
CA HIS A 79 -17.38 -16.95 -11.82
C HIS A 79 -18.86 -16.65 -11.64
N THR A 80 -19.64 -17.72 -11.49
CA THR A 80 -21.03 -17.69 -11.06
C THR A 80 -21.13 -18.68 -9.92
N ILE A 81 -21.38 -18.20 -8.72
CA ILE A 81 -21.38 -19.11 -7.54
C ILE A 81 -22.68 -18.96 -6.73
N LYS A 82 -23.19 -20.07 -6.21
CA LYS A 82 -24.44 -19.99 -5.46
C LYS A 82 -24.13 -19.49 -4.06
N ILE A 83 -24.86 -18.49 -3.61
CA ILE A 83 -24.69 -18.05 -2.22
C ILE A 83 -25.33 -19.05 -1.26
N VAL A 84 -24.89 -19.01 0.00
CA VAL A 84 -25.40 -19.97 1.03
C VAL A 84 -26.11 -19.22 2.16
N SER A 85 -26.05 -17.90 2.13
CA SER A 85 -26.80 -17.09 3.11
C SER A 85 -27.06 -15.70 2.55
N MET A 86 -28.24 -15.20 2.83
CA MET A 86 -28.56 -13.82 2.46
C MET A 86 -29.22 -13.22 3.70
N VAL A 87 -28.74 -12.07 4.08
CA VAL A 87 -29.10 -11.40 5.35
C VAL A 87 -29.39 -9.94 5.07
N LEU A 88 -30.59 -9.52 5.53
CA LEU A 88 -30.96 -8.09 5.44
C LEU A 88 -30.73 -7.44 6.80
N VAL A 89 -30.61 -6.12 6.84
CA VAL A 89 -30.30 -5.36 8.06
C VAL A 89 -31.29 -4.22 8.21
N ASP A 90 -32.06 -4.22 9.30
CA ASP A 90 -32.71 -2.99 9.73
C ASP A 90 -31.80 -2.23 10.68
N ARG A 91 -32.02 -0.91 10.80
CA ARG A 91 -31.37 -0.08 11.82
C ARG A 91 -29.84 -0.15 11.69
N LEU A 92 -29.38 -0.15 10.44
CA LEU A 92 -27.98 -0.32 10.13
C LEU A 92 -27.11 0.79 10.71
N MET A 93 -25.95 0.41 11.24
CA MET A 93 -24.95 1.35 11.70
C MET A 93 -23.59 0.84 11.26
N TRP A 94 -22.76 1.73 10.74
CA TRP A 94 -21.39 1.39 10.40
C TRP A 94 -20.50 1.73 11.59
N LEU A 95 -19.88 0.71 12.19
CA LEU A 95 -19.12 0.85 13.41
C LEU A 95 -17.68 0.43 13.18
N ASP A 96 -16.78 0.93 14.02
CA ASP A 96 -15.41 0.44 14.02
C ASP A 96 -15.26 -0.62 15.11
N LYS A 97 -14.05 -1.15 15.29
CA LYS A 97 -13.79 -2.24 16.26
C LYS A 97 -14.16 -1.83 17.70
N HIS A 98 -14.32 -0.54 17.93
CA HIS A 98 -14.62 -0.07 19.27
C HIS A 98 -16.08 0.39 19.38
N PHE A 99 -16.89 0.05 18.39
CA PHE A 99 -18.32 0.40 18.31
C PHE A 99 -18.56 1.90 18.20
N ASN A 100 -17.57 2.66 17.71
CA ASN A 100 -17.76 4.05 17.37
C ASN A 100 -18.30 4.16 15.94
N GLN A 101 -19.26 5.05 15.74
CA GLN A 101 -20.00 5.04 14.48
C GLN A 101 -19.30 5.91 13.42
N TYR A 102 -19.11 5.31 12.24
CA TYR A 102 -18.57 6.02 11.09
C TYR A 102 -19.61 6.98 10.51
N THR A 103 -19.13 8.10 9.97
CA THR A 103 -20.03 9.13 9.47
C THR A 103 -20.27 9.07 7.98
N ASN A 104 -19.53 8.23 7.25
CA ASN A 104 -19.83 7.96 5.85
C ASN A 104 -20.30 6.50 5.71
N GLU A 105 -20.33 6.02 4.46
CA GLU A 105 -20.83 4.67 4.17
C GLU A 105 -19.89 3.95 3.20
N PRO A 106 -19.91 2.61 3.16
CA PRO A 106 -19.03 1.83 2.30
C PRO A 106 -19.13 2.17 0.80
N ASP A 107 -20.34 2.36 0.29
CA ASP A 107 -20.51 2.81 -1.13
C ASP A 107 -19.83 4.17 -1.27
N GLY A 108 -18.87 4.26 -2.15
CA GLY A 108 -18.11 5.51 -2.22
C GLY A 108 -16.70 5.35 -1.69
N VAL A 109 -16.52 4.52 -0.65
CA VAL A 109 -15.15 4.25 -0.13
C VAL A 109 -14.54 3.05 -0.84
N PHE A 110 -15.27 1.95 -0.92
CA PHE A 110 -14.72 0.72 -1.48
C PHE A 110 -15.23 0.53 -2.90
N GLY A 111 -14.39 -0.02 -3.75
CA GLY A 111 -14.82 -0.15 -5.15
C GLY A 111 -15.60 -1.44 -5.35
N ASP A 112 -16.39 -1.52 -6.40
CA ASP A 112 -17.25 -2.72 -6.57
C ASP A 112 -16.39 -3.86 -7.13
N VAL A 113 -16.63 -5.05 -6.63
CA VAL A 113 -15.81 -6.22 -7.03
C VAL A 113 -16.71 -7.33 -7.57
N GLY A 114 -17.98 -7.04 -7.81
CA GLY A 114 -18.80 -8.09 -8.37
C GLY A 114 -20.27 -7.75 -8.22
N ASN A 115 -21.10 -8.75 -8.45
CA ASN A 115 -22.53 -8.48 -8.41
C ASN A 115 -23.28 -9.69 -7.87
N VAL A 116 -24.48 -9.42 -7.39
CA VAL A 116 -25.40 -10.44 -6.95
C VAL A 116 -26.51 -10.54 -8.00
N PHE A 117 -26.78 -11.75 -8.46
CA PHE A 117 -27.81 -11.97 -9.46
C PHE A 117 -28.97 -12.72 -8.82
N VAL A 118 -30.18 -12.33 -9.19
CA VAL A 118 -31.39 -13.11 -8.82
C VAL A 118 -31.87 -13.63 -10.17
N ASP A 119 -31.72 -14.92 -10.45
CA ASP A 119 -31.95 -15.50 -11.80
C ASP A 119 -30.87 -14.90 -12.73
N ASN A 120 -31.27 -14.11 -13.72
CA ASN A 120 -30.30 -13.43 -14.57
C ASN A 120 -30.42 -11.91 -14.48
N ASP A 121 -31.12 -11.40 -13.48
CA ASP A 121 -31.18 -9.97 -13.23
C ASP A 121 -30.03 -9.58 -12.31
N ASN A 122 -29.28 -8.56 -12.72
CA ASN A 122 -28.19 -7.97 -11.95
C ASN A 122 -28.81 -7.01 -10.93
N VAL A 123 -28.99 -7.49 -9.70
CA VAL A 123 -29.77 -6.76 -8.71
C VAL A 123 -28.92 -5.98 -7.71
N ALA A 124 -27.66 -6.34 -7.52
CA ALA A 124 -26.89 -5.67 -6.48
C ALA A 124 -25.42 -5.62 -6.87
N LYS A 125 -24.73 -4.67 -6.28
CA LYS A 125 -23.29 -4.55 -6.41
C LYS A 125 -22.64 -5.03 -5.11
N VAL A 126 -21.60 -5.85 -5.24
CA VAL A 126 -20.79 -6.21 -4.09
C VAL A 126 -19.73 -5.13 -3.87
N ILE A 127 -19.76 -4.52 -2.69
CA ILE A 127 -18.89 -3.39 -2.35
C ILE A 127 -17.58 -3.84 -1.71
N THR A 128 -17.64 -4.79 -0.79
CA THR A 128 -16.46 -5.18 -0.04
C THR A 128 -16.75 -6.56 0.47
N MET A 129 -15.74 -7.18 1.05
CA MET A 129 -15.87 -8.58 1.42
C MET A 129 -15.17 -8.74 2.74
N SER A 130 -15.60 -9.73 3.51
CA SER A 130 -14.87 -10.09 4.71
C SER A 130 -14.54 -11.56 4.66
N GLY A 131 -13.48 -11.92 5.36
CA GLY A 131 -12.94 -13.24 5.31
C GLY A 131 -11.46 -13.17 5.57
N SER A 132 -10.80 -14.25 5.21
CA SER A 132 -9.39 -14.41 5.47
C SER A 132 -8.74 -14.97 4.21
N SER A 133 -7.52 -14.51 3.97
CA SER A 133 -6.71 -15.15 2.97
C SER A 133 -5.79 -16.20 3.56
N ALA A 134 -5.92 -16.50 4.86
CA ALA A 134 -5.09 -17.53 5.46
C ALA A 134 -5.33 -18.84 4.70
N PRO A 135 -4.29 -19.59 4.39
CA PRO A 135 -4.48 -20.77 3.54
C PRO A 135 -5.39 -21.75 4.26
N ALA A 136 -6.35 -22.31 3.52
CA ALA A 136 -7.31 -23.26 4.08
C ALA A 136 -7.85 -24.06 2.94
N ASN A 137 -8.27 -25.30 3.21
CA ASN A 137 -8.95 -26.07 2.17
C ASN A 137 -10.45 -25.86 2.16
N ARG A 138 -11.01 -25.26 3.21
CA ARG A 138 -12.44 -25.02 3.30
C ARG A 138 -12.64 -23.66 3.97
N GLY A 139 -13.64 -22.90 3.56
CA GLY A 139 -13.74 -21.58 4.14
C GLY A 139 -15.04 -20.90 3.79
N ALA A 140 -15.12 -19.63 4.14
CA ALA A 140 -16.31 -18.88 3.82
C ALA A 140 -15.90 -17.45 3.55
N THR A 141 -16.74 -16.76 2.80
CA THR A 141 -16.56 -15.37 2.43
C THR A 141 -17.84 -14.59 2.71
N LEU A 142 -17.73 -13.46 3.37
CA LEU A 142 -18.87 -12.58 3.52
CA LEU A 142 -18.89 -12.60 3.51
C LEU A 142 -18.78 -11.48 2.48
N MET A 143 -19.92 -11.02 2.00
CA MET A 143 -19.92 -9.98 0.98
C MET A 143 -20.95 -8.92 1.33
N LEU A 144 -20.54 -7.66 1.38
CA LEU A 144 -21.47 -6.55 1.56
C LEU A 144 -22.02 -6.13 0.19
N CYS A 145 -23.32 -6.24 -0.02
CA CYS A 145 -23.90 -5.79 -1.27
C CYS A 145 -24.71 -4.51 -1.09
N ARG A 146 -25.04 -3.88 -2.21
CA ARG A 146 -26.01 -2.80 -2.21
C ARG A 146 -26.92 -3.00 -3.40
N ALA A 147 -28.22 -3.04 -3.13
CA ALA A 147 -29.18 -3.15 -4.21
C ALA A 147 -28.99 -2.01 -5.19
N THR A 148 -28.87 -2.34 -6.47
CA THR A 148 -28.65 -1.36 -7.53
C THR A 148 -29.95 -0.98 -8.23
N LYS A 149 -31.00 -1.74 -7.99
CA LYS A 149 -32.34 -1.52 -8.48
C LYS A 149 -33.27 -1.91 -7.35
N ASN A 150 -34.54 -1.51 -7.44
CA ASN A 150 -35.49 -2.09 -6.51
C ASN A 150 -35.66 -3.55 -6.84
N ILE A 151 -35.51 -4.39 -5.81
CA ILE A 151 -35.52 -5.86 -6.03
C ILE A 151 -36.85 -6.41 -5.55
N GLN A 152 -37.48 -7.23 -6.37
CA GLN A 152 -38.81 -7.76 -6.02
C GLN A 152 -38.68 -9.07 -5.24
N THR A 153 -39.74 -9.42 -4.50
CA THR A 153 -39.75 -10.66 -3.70
C THR A 153 -39.36 -11.85 -4.57
N PHE A 154 -38.64 -12.76 -3.94
CA PHE A 154 -38.28 -13.98 -4.66
C PHE A 154 -38.29 -15.15 -3.68
N ASN A 155 -38.30 -16.33 -4.26
CA ASN A 155 -38.40 -17.50 -3.39
C ASN A 155 -37.60 -18.64 -4.01
N PHE A 156 -37.23 -19.61 -3.20
CA PHE A 156 -36.51 -20.76 -3.74
C PHE A 156 -36.47 -21.89 -2.75
N ALA A 157 -36.48 -23.10 -3.27
CA ALA A 157 -36.29 -24.24 -2.41
C ALA A 157 -34.81 -24.35 -2.09
N ALA A 158 -34.53 -24.87 -0.89
CA ALA A 158 -33.17 -25.00 -0.40
C ALA A 158 -33.19 -25.95 0.77
N THR A 159 -32.07 -26.62 0.97
CA THR A 159 -31.84 -27.30 2.23
C THR A 159 -31.38 -26.23 3.21
N VAL A 160 -31.84 -26.32 4.45
CA VAL A 160 -31.52 -25.32 5.46
C VAL A 160 -30.57 -25.94 6.44
N TYR A 161 -29.54 -25.18 6.78
CA TYR A 161 -28.44 -25.62 7.62
C TYR A 161 -28.22 -24.65 8.78
N ILE A 162 -27.71 -25.21 9.87
CA ILE A 162 -27.39 -24.45 11.06
C ILE A 162 -25.88 -24.58 11.29
N PRO A 163 -25.11 -23.51 11.23
CA PRO A 163 -23.67 -23.62 11.46
C PRO A 163 -23.39 -23.57 12.95
N ALA A 164 -22.60 -24.52 13.44
CA ALA A 164 -22.42 -24.58 14.88
C ALA A 164 -21.15 -25.34 15.19
N TYR A 165 -20.45 -24.92 16.24
CA TYR A 165 -19.27 -25.65 16.65
C TYR A 165 -19.66 -27.04 17.09
N LYS A 166 -18.82 -28.01 16.76
CA LYS A 166 -19.09 -29.42 16.99
C LYS A 166 -17.81 -30.05 17.48
N VAL A 167 -17.98 -30.84 18.49
CA VAL A 167 -16.79 -31.41 19.09
C VAL A 167 -16.39 -32.67 18.33
N VAL A 176 -12.22 -29.13 17.68
CA VAL A 176 -13.55 -28.56 17.50
C VAL A 176 -13.62 -28.03 16.07
N VAL A 177 -14.71 -28.16 15.47
CA VAL A 177 -14.90 -27.69 14.09
C VAL A 177 -16.22 -26.90 13.97
N LEU A 178 -16.28 -26.16 12.86
CA LEU A 178 -17.50 -25.45 12.51
C LEU A 178 -18.31 -26.37 11.61
N ASN A 179 -19.34 -26.96 12.18
CA ASN A 179 -20.16 -27.95 11.50
C ASN A 179 -21.35 -27.26 10.85
N VAL A 180 -21.57 -27.54 9.57
CA VAL A 180 -22.75 -27.04 8.87
C VAL A 180 -23.70 -28.22 8.88
N ALA A 181 -24.57 -28.24 9.87
CA ALA A 181 -25.46 -29.37 10.10
C ALA A 181 -26.76 -29.15 9.34
N GLN A 182 -27.15 -30.15 8.55
CA GLN A 182 -28.44 -30.07 7.87
C GLN A 182 -29.58 -30.14 8.87
N TRP A 183 -30.58 -29.29 8.65
CA TRP A 183 -31.78 -29.21 9.47
C TRP A 183 -32.92 -29.87 8.74
N GLU A 184 -33.40 -29.24 7.66
CA GLU A 184 -34.47 -29.83 6.89
C GLU A 184 -34.26 -29.58 5.40
N ALA A 185 -34.44 -30.63 4.61
CA ALA A 185 -34.32 -30.52 3.18
C ALA A 185 -35.61 -29.96 2.57
N ASN A 186 -35.48 -29.40 1.39
CA ASN A 186 -36.65 -28.92 0.59
C ASN A 186 -37.60 -28.01 1.36
N LYS A 187 -37.14 -26.87 1.80
CA LYS A 187 -38.02 -25.86 2.35
C LYS A 187 -38.05 -24.70 1.37
N THR A 188 -39.19 -24.05 1.25
CA THR A 188 -39.28 -22.84 0.45
C THR A 188 -38.71 -21.67 1.23
N LEU A 189 -37.87 -20.87 0.58
CA LEU A 189 -37.23 -19.70 1.19
C LEU A 189 -37.62 -18.43 0.44
N THR A 190 -38.21 -17.48 1.15
CA THR A 190 -38.63 -16.22 0.57
C THR A 190 -37.75 -15.10 1.10
N TYR A 191 -37.61 -14.06 0.27
CA TYR A 191 -36.96 -12.80 0.70
C TYR A 191 -37.97 -11.73 0.28
N PRO A 192 -38.30 -10.76 1.15
CA PRO A 192 -39.19 -9.67 0.79
C PRO A 192 -38.55 -8.79 -0.26
N ALA A 193 -39.29 -7.78 -0.75
CA ALA A 193 -38.73 -6.83 -1.67
C ALA A 193 -37.61 -6.03 -0.99
N ILE A 194 -36.52 -5.83 -1.70
CA ILE A 194 -35.41 -5.00 -1.15
C ILE A 194 -35.33 -3.74 -2.01
N PRO A 195 -35.55 -2.57 -1.41
CA PRO A 195 -35.44 -1.29 -2.12
C PRO A 195 -34.07 -1.07 -2.75
N LYS A 196 -34.00 -0.05 -3.61
CA LYS A 196 -32.73 0.44 -4.12
C LYS A 196 -31.96 1.16 -3.03
N ASP A 197 -30.63 1.01 -3.04
CA ASP A 197 -29.64 1.59 -2.14
C ASP A 197 -29.62 0.83 -0.82
N THR A 198 -30.41 -0.23 -0.68
CA THR A 198 -30.40 -1.03 0.54
C THR A 198 -29.19 -1.96 0.56
N TYR A 199 -28.44 -1.88 1.66
CA TYR A 199 -27.32 -2.77 1.92
C TYR A 199 -27.83 -4.12 2.43
N PHE A 200 -27.11 -5.18 2.05
CA PHE A 200 -27.40 -6.50 2.59
C PHE A 200 -26.15 -7.37 2.43
N MET A 201 -26.16 -8.52 3.08
CA MET A 201 -24.96 -9.33 3.09
C MET A 201 -25.29 -10.65 2.45
N VAL A 202 -24.36 -11.19 1.69
CA VAL A 202 -24.49 -12.57 1.26
C VAL A 202 -23.22 -13.29 1.72
N VAL A 203 -23.31 -14.60 1.77
CA VAL A 203 -22.21 -15.45 2.19
C VAL A 203 -22.02 -16.53 1.14
N THR A 204 -20.76 -16.85 0.83
CA THR A 204 -20.50 -18.07 0.07
C THR A 204 -19.53 -18.95 0.85
N MET A 205 -19.47 -20.21 0.48
CA MET A 205 -18.78 -21.14 1.33
C MET A 205 -18.53 -22.44 0.57
N GLY A 206 -17.41 -23.09 0.86
CA GLY A 206 -17.18 -24.40 0.28
C GLY A 206 -15.72 -24.78 0.38
N GLY A 207 -15.35 -25.76 -0.42
CA GLY A 207 -14.01 -26.31 -0.37
C GLY A 207 -13.18 -25.93 -1.56
N ALA A 208 -13.60 -24.88 -2.27
CA ALA A 208 -12.89 -24.31 -3.40
C ALA A 208 -12.87 -22.80 -3.22
N SER A 209 -11.95 -22.15 -3.93
CA SER A 209 -11.80 -20.73 -3.76
C SER A 209 -11.18 -20.13 -5.01
N PHE A 210 -11.52 -18.89 -5.24
CA PHE A 210 -10.92 -18.08 -6.32
C PHE A 210 -10.76 -16.68 -5.70
N THR A 211 -9.97 -15.86 -6.37
CA THR A 211 -9.75 -14.56 -5.77
C THR A 211 -10.30 -13.49 -6.69
N ILE A 212 -10.73 -12.42 -6.05
CA ILE A 212 -11.16 -11.20 -6.70
C ILE A 212 -10.44 -10.10 -5.95
N GLN A 213 -9.44 -9.54 -6.63
CA GLN A 213 -8.53 -8.61 -5.94
C GLN A 213 -7.91 -9.45 -4.82
N ARG A 214 -7.86 -8.93 -3.60
CA ARG A 214 -7.25 -9.77 -2.59
C ARG A 214 -8.26 -10.70 -1.95
N TYR A 215 -9.51 -10.52 -2.28
CA TYR A 215 -10.55 -11.30 -1.61
C TYR A 215 -10.49 -12.78 -2.02
N VAL A 216 -10.49 -13.66 -1.04
CA VAL A 216 -10.60 -15.09 -1.29
C VAL A 216 -12.07 -15.48 -1.16
N VAL A 217 -12.60 -16.05 -2.23
CA VAL A 217 -14.02 -16.33 -2.34
C VAL A 217 -14.20 -17.83 -2.32
N TYR A 218 -14.72 -18.31 -1.22
CA TYR A 218 -15.00 -19.73 -1.12
C TYR A 218 -16.33 -20.08 -1.80
N ASN A 219 -16.35 -21.30 -2.31
CA ASN A 219 -17.52 -21.69 -3.11
C ASN A 219 -17.69 -23.21 -3.18
N GLU A 220 -18.79 -23.65 -3.80
CA GLU A 220 -19.25 -25.06 -3.89
C GLU A 220 -20.36 -25.16 -2.84
N GLY A 221 -20.71 -26.39 -2.51
CA GLY A 221 -21.78 -26.58 -1.53
C GLY A 221 -21.21 -26.70 -0.14
N LEU A 226 -20.96 -30.30 5.82
CA LEU A 226 -19.63 -29.67 5.68
C LEU A 226 -19.05 -29.27 7.04
N GLU A 227 -17.76 -29.48 7.21
CA GLU A 227 -17.08 -29.06 8.43
C GLU A 227 -15.99 -28.06 8.04
N LEU A 228 -16.07 -26.86 8.57
CA LEU A 228 -15.05 -25.84 8.34
C LEU A 228 -14.17 -25.77 9.58
N PRO A 229 -12.89 -25.41 9.46
CA PRO A 229 -12.01 -25.25 10.61
C PRO A 229 -12.61 -24.21 11.55
N ALA A 230 -12.39 -24.40 12.84
CA ALA A 230 -12.98 -23.49 13.86
C ALA A 230 -12.48 -22.05 13.62
N PHE A 231 -11.32 -21.89 13.00
CA PHE A 231 -10.73 -20.59 12.62
C PHE A 231 -11.79 -19.65 12.03
N TRP A 232 -12.71 -20.21 11.25
CA TRP A 232 -13.74 -19.43 10.52
C TRP A 232 -14.77 -18.76 11.46
N GLY A 233 -14.92 -19.26 12.68
CA GLY A 233 -15.93 -18.67 13.55
C GLY A 233 -15.70 -17.19 13.80
N LYS A 234 -14.43 -16.79 13.90
CA LYS A 234 -14.14 -15.37 14.04
C LYS A 234 -14.74 -14.56 12.88
N TYR A 235 -14.53 -15.02 11.65
CA TYR A 235 -14.97 -14.24 10.48
C TYR A 235 -16.46 -14.24 10.29
N LEU A 236 -17.17 -15.20 10.88
CA LEU A 236 -18.61 -15.25 10.76
C LEU A 236 -19.26 -14.62 11.99
N SER A 237 -18.47 -14.10 12.92
CA SER A 237 -19.01 -13.51 14.14
C SER A 237 -19.14 -12.01 13.92
N GLN A 238 -20.05 -11.38 14.65
CA GLN A 238 -20.94 -12.02 15.61
C GLN A 238 -22.25 -12.44 14.96
N LEU A 239 -22.32 -12.22 13.64
CA LEU A 239 -23.53 -12.48 12.86
C LEU A 239 -24.11 -13.85 13.15
N TYR A 240 -23.35 -14.90 12.85
CA TYR A 240 -23.74 -16.27 13.09
C TYR A 240 -23.31 -16.64 14.50
N GLY A 241 -24.13 -17.43 15.14
CA GLY A 241 -24.23 -17.43 16.56
C GLY A 241 -25.67 -17.74 16.89
N PHE A 242 -26.12 -17.31 18.07
CA PHE A 242 -27.32 -17.90 18.63
C PHE A 242 -28.60 -17.27 18.12
N SER A 243 -28.57 -16.00 17.74
CA SER A 243 -29.84 -15.32 17.58
C SER A 243 -29.68 -14.10 16.70
N TRP A 244 -30.69 -13.88 15.85
CA TRP A 244 -30.84 -12.61 15.15
C TRP A 244 -31.96 -11.77 15.72
N SER A 245 -32.59 -12.23 16.78
CA SER A 245 -33.55 -11.39 17.48
C SER A 245 -32.85 -10.28 18.22
N SER A 246 -31.65 -10.51 18.74
CA SER A 246 -30.91 -9.45 19.37
C SER A 246 -30.01 -8.79 18.34
N PRO A 247 -29.61 -7.53 18.53
CA PRO A 247 -28.78 -6.87 17.50
C PRO A 247 -27.42 -7.54 17.41
N THR A 248 -26.81 -7.49 16.22
CA THR A 248 -25.48 -8.08 16.08
C THR A 248 -24.74 -7.33 14.97
N TYR A 249 -23.64 -7.89 14.51
CA TYR A 249 -22.90 -7.25 13.44
C TYR A 249 -22.18 -8.30 12.63
N ALA A 250 -21.85 -7.92 11.40
CA ALA A 250 -20.93 -8.68 10.57
C ALA A 250 -19.82 -7.75 10.15
N CYS A 251 -18.60 -8.27 10.13
CA CYS A 251 -17.51 -7.48 9.59
C CYS A 251 -17.65 -7.46 8.08
N VAL A 252 -17.42 -6.30 7.47
CA VAL A 252 -17.55 -6.22 6.01
C VAL A 252 -16.23 -5.93 5.33
N THR A 253 -15.14 -5.95 6.05
CA THR A 253 -13.86 -5.61 5.46
C THR A 253 -12.94 -6.82 5.58
N TRP A 254 -11.91 -6.84 4.75
CA TRP A 254 -11.06 -8.02 4.64
C TRP A 254 -10.16 -8.20 5.87
N GLU A 255 -9.88 -9.47 6.18
CA GLU A 255 -8.90 -9.83 7.23
C GLU A 255 -9.04 -8.95 8.49
N PRO A 256 -10.21 -8.94 9.16
CA PRO A 256 -10.39 -8.05 10.32
C PRO A 256 -9.42 -8.45 11.41
N ILE A 257 -8.61 -7.49 11.86
CA ILE A 257 -7.74 -7.59 13.02
C ILE A 257 -8.38 -6.83 14.16
N TYR A 258 -8.87 -7.55 15.16
CA TYR A 258 -9.51 -6.84 16.26
C TYR A 258 -8.54 -6.38 17.32
N ALA A 259 -7.40 -7.05 17.44
CA ALA A 259 -6.25 -6.60 18.21
C ALA A 259 -5.97 -5.12 17.94
N SER B 33 7.54 -39.70 6.52
CA SER B 33 7.41 -38.50 5.72
C SER B 33 6.55 -37.42 6.35
N TYR B 34 6.82 -36.19 5.94
CA TYR B 34 6.08 -35.03 6.44
C TYR B 34 6.12 -34.00 5.33
N PRO B 35 5.21 -34.11 4.36
CA PRO B 35 5.24 -33.19 3.23
C PRO B 35 4.48 -31.93 3.58
N MET B 36 5.03 -30.79 3.15
CA MET B 36 4.23 -29.57 3.23
C MET B 36 3.15 -29.66 2.17
N THR B 37 2.00 -29.09 2.48
CA THR B 37 0.86 -28.99 1.58
C THR B 37 0.70 -27.53 1.15
N PRO B 38 -0.08 -27.26 0.10
CA PRO B 38 -0.32 -25.85 -0.27
C PRO B 38 -0.96 -25.02 0.83
N SER B 39 -1.54 -25.66 1.84
CA SER B 39 -2.13 -24.98 2.98
C SER B 39 -1.21 -24.92 4.19
N SER B 40 0.03 -25.44 4.10
CA SER B 40 0.93 -25.45 5.24
C SER B 40 1.59 -24.09 5.46
N LEU B 41 1.88 -23.81 6.72
CA LEU B 41 2.74 -22.68 7.04
C LEU B 41 4.16 -23.23 6.96
N VAL B 42 4.98 -22.62 6.13
CA VAL B 42 6.32 -23.12 5.85
C VAL B 42 7.34 -22.02 6.10
N LEU B 43 8.42 -22.39 6.78
CA LEU B 43 9.49 -21.47 7.16
C LEU B 43 10.70 -21.86 6.35
N MET B 44 11.32 -20.89 5.71
CA MET B 44 12.63 -21.05 5.10
C MET B 44 13.72 -20.83 6.12
N ALA B 45 14.33 -21.88 6.61
CA ALA B 45 15.27 -21.68 7.69
C ALA B 45 16.69 -21.99 7.25
N GLY B 46 17.64 -21.31 7.86
CA GLY B 46 19.03 -21.52 7.54
C GLY B 46 19.83 -20.28 7.83
N TYR B 47 20.98 -20.22 7.20
CA TYR B 47 21.91 -19.13 7.37
C TYR B 47 21.72 -18.20 6.19
N PHE B 48 21.16 -17.04 6.45
CA PHE B 48 20.83 -16.09 5.41
C PHE B 48 22.01 -15.19 5.15
N SER B 49 22.17 -14.79 3.88
CA SER B 49 23.13 -13.73 3.60
C SER B 49 22.55 -12.76 2.57
N GLY B 50 22.90 -11.49 2.73
CA GLY B 50 22.45 -10.46 1.80
C GLY B 50 23.56 -10.18 0.81
N PRO B 51 23.52 -9.00 0.21
CA PRO B 51 24.59 -8.63 -0.71
C PRO B 51 25.90 -8.48 0.03
N GLU B 52 27.00 -8.58 -0.71
CA GLU B 52 28.31 -8.11 -0.23
C GLU B 52 28.44 -6.63 -0.57
N ILE B 53 28.90 -5.82 0.40
CA ILE B 53 28.91 -4.36 0.24
C ILE B 53 30.29 -3.80 0.48
N GLY B 58 28.35 -4.09 6.39
CA GLY B 58 27.04 -4.62 6.72
C GLY B 58 26.93 -6.14 6.67
N LYS B 59 28.04 -6.87 6.69
CA LYS B 59 27.92 -8.32 6.76
C LYS B 59 27.29 -8.70 8.09
N TYR B 60 26.45 -9.74 8.04
CA TYR B 60 25.63 -10.24 9.13
C TYR B 60 24.58 -9.23 9.58
N MET B 61 24.49 -8.09 8.89
CA MET B 61 23.47 -7.13 9.29
C MET B 61 22.21 -7.36 8.44
N PRO B 62 21.00 -7.49 9.02
CA PRO B 62 19.82 -7.62 8.16
C PRO B 62 19.54 -6.28 7.50
N LEU B 63 19.74 -6.16 6.19
CA LEU B 63 19.62 -4.87 5.53
C LEU B 63 18.57 -4.95 4.44
N LEU B 64 18.03 -3.77 4.12
CA LEU B 64 17.20 -3.65 2.91
C LEU B 64 17.95 -2.66 2.00
N PHE B 65 17.50 -2.54 0.77
CA PHE B 65 18.19 -1.62 -0.13
C PHE B 65 17.19 -1.03 -1.09
N GLN B 66 17.57 0.10 -1.67
CA GLN B 66 16.86 0.74 -2.76
C GLN B 66 17.83 0.84 -3.92
N GLN B 67 17.58 0.10 -5.00
CA GLN B 67 18.50 0.10 -6.12
C GLN B 67 18.46 1.46 -6.81
N ASN B 68 19.63 1.97 -7.17
CA ASN B 68 19.68 3.20 -7.96
C ASN B 68 19.07 3.01 -9.34
N THR B 69 19.13 1.79 -9.88
CA THR B 69 18.64 1.44 -11.21
C THR B 69 17.78 0.18 -11.10
N SER B 70 17.17 -0.23 -12.21
CA SER B 70 16.22 -1.35 -12.16
C SER B 70 16.97 -2.65 -12.44
N LYS B 71 17.83 -3.02 -11.50
CA LYS B 71 18.71 -4.16 -11.74
C LYS B 71 18.02 -5.48 -11.46
N VAL B 72 17.39 -5.63 -10.29
CA VAL B 72 16.66 -6.85 -9.98
C VAL B 72 15.21 -6.49 -9.80
N THR B 73 14.35 -7.16 -10.56
CA THR B 73 12.93 -6.87 -10.52
C THR B 73 12.14 -8.16 -10.39
N PHE B 74 11.01 -8.04 -9.71
CA PHE B 74 9.96 -9.02 -9.76
C PHE B 74 9.02 -8.68 -10.90
N ARG B 75 8.72 -9.66 -11.73
CA ARG B 75 7.85 -9.48 -12.87
C ARG B 75 6.75 -10.52 -12.87
N SER B 76 5.52 -10.04 -13.11
CA SER B 76 4.38 -10.92 -13.28
C SER B 76 3.35 -10.11 -14.05
N GLY B 77 2.97 -10.62 -15.22
CA GLY B 77 1.96 -9.91 -15.99
C GLY B 77 2.53 -8.61 -16.47
N SER B 78 1.81 -7.53 -16.27
CA SER B 78 2.32 -6.21 -16.64
C SER B 78 3.06 -5.55 -15.50
N HIS B 79 3.18 -6.22 -14.36
CA HIS B 79 3.88 -5.68 -13.20
C HIS B 79 5.38 -5.96 -13.28
N THR B 80 6.17 -4.92 -13.15
CA THR B 80 7.61 -5.01 -12.98
C THR B 80 7.96 -4.08 -11.84
N ILE B 81 8.50 -4.61 -10.74
CA ILE B 81 8.80 -3.80 -9.57
C ILE B 81 10.19 -4.13 -9.08
N LYS B 82 10.88 -3.11 -8.58
CA LYS B 82 12.23 -3.31 -8.03
C LYS B 82 12.13 -3.94 -6.63
N ILE B 83 13.05 -4.83 -6.35
CA ILE B 83 13.03 -5.48 -5.04
C ILE B 83 13.86 -4.66 -4.07
N VAL B 84 13.60 -4.81 -2.77
CA VAL B 84 14.37 -4.10 -1.74
C VAL B 84 15.17 -5.04 -0.87
N SER B 85 15.09 -6.33 -1.13
CA SER B 85 16.00 -7.24 -0.42
C SER B 85 16.14 -8.53 -1.21
N MET B 86 17.33 -9.06 -1.21
CA MET B 86 17.54 -10.38 -1.81
C MET B 86 18.43 -11.17 -0.87
N VAL B 87 17.90 -12.30 -0.40
CA VAL B 87 18.66 -13.09 0.60
C VAL B 87 18.87 -14.51 0.10
N LEU B 88 20.11 -14.93 0.22
CA LEU B 88 20.49 -16.31 -0.10
C LEU B 88 20.49 -17.10 1.21
N VAL B 89 20.34 -18.42 1.12
CA VAL B 89 20.27 -19.27 2.31
C VAL B 89 21.22 -20.44 2.10
N ASP B 90 22.08 -20.67 3.07
CA ASP B 90 22.91 -21.88 3.13
C ASP B 90 22.30 -22.81 4.19
N ARG B 91 22.52 -24.11 4.07
CA ARG B 91 22.01 -25.10 5.05
C ARG B 91 20.49 -24.93 5.14
N LEU B 92 19.88 -24.76 3.97
CA LEU B 92 18.43 -24.56 3.89
C LEU B 92 17.66 -25.70 4.56
N MET B 93 16.67 -25.35 5.35
CA MET B 93 15.74 -26.33 5.90
C MET B 93 14.34 -25.77 5.76
N TRP B 94 13.42 -26.59 5.30
CA TRP B 94 12.01 -26.24 5.30
C TRP B 94 11.37 -26.74 6.60
N LEU B 95 10.90 -25.81 7.43
CA LEU B 95 10.43 -26.11 8.77
C LEU B 95 8.96 -25.79 8.88
N ASP B 96 8.25 -26.46 9.80
CA ASP B 96 6.89 -26.01 10.08
C ASP B 96 6.95 -25.08 11.31
N LYS B 97 5.79 -24.66 11.80
CA LYS B 97 5.74 -23.67 12.87
C LYS B 97 6.22 -24.24 14.19
N HIS B 98 6.38 -25.56 14.26
CA HIS B 98 6.99 -26.17 15.43
C HIS B 98 8.42 -26.58 15.19
N PHE B 99 9.02 -26.11 14.09
CA PHE B 99 10.39 -26.40 13.73
C PHE B 99 10.59 -27.88 13.40
N ASN B 100 9.53 -28.61 13.11
CA ASN B 100 9.65 -29.92 12.46
C ASN B 100 10.02 -29.73 10.99
N GLN B 101 10.96 -30.54 10.52
CA GLN B 101 11.43 -30.39 9.15
C GLN B 101 10.52 -31.13 8.20
N TYR B 102 10.07 -30.43 7.18
CA TYR B 102 9.28 -31.07 6.11
C TYR B 102 10.22 -31.97 5.29
N THR B 103 9.66 -32.98 4.63
CA THR B 103 10.44 -33.95 3.84
C THR B 103 10.47 -33.55 2.36
N ASN B 104 9.68 -32.56 2.00
CA ASN B 104 9.59 -32.18 0.57
C ASN B 104 10.03 -30.73 0.35
N GLU B 105 9.59 -30.14 -0.74
CA GLU B 105 10.08 -28.79 -1.12
C GLU B 105 8.95 -27.93 -1.63
N PRO B 106 9.05 -26.58 -1.55
CA PRO B 106 8.03 -25.70 -2.05
C PRO B 106 7.80 -25.85 -3.56
N ASP B 107 8.89 -25.97 -4.33
CA ASP B 107 8.73 -26.04 -5.79
C ASP B 107 7.91 -27.24 -6.19
N GLY B 108 6.78 -27.00 -6.80
CA GLY B 108 5.85 -28.08 -7.13
C GLY B 108 4.72 -28.27 -6.14
N VAL B 109 4.79 -27.66 -4.97
CA VAL B 109 3.64 -27.72 -4.05
C VAL B 109 2.85 -26.42 -4.25
N PHE B 110 3.55 -25.30 -4.28
CA PHE B 110 2.90 -24.00 -4.50
C PHE B 110 3.14 -23.70 -5.97
N GLY B 111 2.37 -22.83 -6.58
CA GLY B 111 2.53 -22.66 -8.03
C GLY B 111 3.71 -21.83 -8.47
N ASP B 112 3.46 -20.97 -9.44
CA ASP B 112 4.50 -20.07 -9.99
C ASP B 112 3.67 -18.82 -10.28
N VAL B 113 3.96 -17.76 -9.57
CA VAL B 113 3.16 -16.54 -9.69
C VAL B 113 3.94 -15.41 -10.31
N GLY B 114 5.20 -15.63 -10.64
CA GLY B 114 5.99 -14.57 -11.21
C GLY B 114 7.43 -15.02 -11.35
N ASN B 115 8.27 -14.05 -11.67
CA ASN B 115 9.66 -14.34 -11.96
C ASN B 115 10.51 -13.22 -11.42
N VAL B 116 11.76 -13.54 -11.15
CA VAL B 116 12.72 -12.54 -10.74
C VAL B 116 13.61 -12.31 -11.95
N PHE B 117 13.82 -11.06 -12.31
CA PHE B 117 14.67 -10.68 -13.43
C PHE B 117 15.91 -10.00 -12.93
N VAL B 118 17.05 -10.30 -13.53
CA VAL B 118 18.25 -9.49 -13.41
C VAL B 118 18.49 -8.87 -14.78
N ASP B 119 18.38 -7.55 -14.84
CA ASP B 119 18.39 -6.85 -16.15
C ASP B 119 17.16 -7.35 -16.91
N ASN B 120 17.35 -7.86 -18.11
CA ASN B 120 16.20 -8.41 -18.89
C ASN B 120 16.28 -9.95 -18.87
N ASP B 121 17.00 -10.48 -17.91
CA ASP B 121 17.16 -11.94 -17.84
C ASP B 121 16.22 -12.56 -16.79
N ASN B 122 15.37 -13.47 -17.24
CA ASN B 122 14.47 -14.14 -16.32
C ASN B 122 15.28 -15.24 -15.64
N VAL B 123 15.65 -15.01 -14.38
CA VAL B 123 16.58 -15.92 -13.72
C VAL B 123 15.93 -16.87 -12.73
N ALA B 124 14.68 -16.61 -12.36
CA ALA B 124 14.09 -17.43 -11.30
C ALA B 124 12.57 -17.36 -11.35
N LYS B 125 11.94 -18.35 -10.74
CA LYS B 125 10.47 -18.35 -10.65
C LYS B 125 10.09 -18.03 -9.21
N VAL B 126 8.99 -17.32 -9.05
CA VAL B 126 8.46 -17.05 -7.69
C VAL B 126 7.42 -18.13 -7.36
N ILE B 127 7.73 -18.95 -6.39
CA ILE B 127 6.92 -20.09 -5.96
C ILE B 127 5.79 -19.66 -5.01
N THR B 128 6.06 -18.76 -4.08
CA THR B 128 5.10 -18.51 -3.04
C THR B 128 5.48 -17.20 -2.36
N MET B 129 4.53 -16.65 -1.62
CA MET B 129 4.78 -15.34 -1.06
C MET B 129 4.29 -15.34 0.37
N SER B 130 4.89 -14.44 1.16
CA SER B 130 4.49 -14.30 2.54
C SER B 130 4.24 -12.83 2.81
N GLY B 131 3.29 -12.58 3.68
CA GLY B 131 2.80 -11.24 3.90
C GLY B 131 1.40 -11.37 4.48
N SER B 132 0.63 -10.30 4.31
CA SER B 132 -0.70 -10.20 4.87
C SER B 132 -1.60 -9.47 3.89
N SER B 133 -2.86 -9.89 3.86
CA SER B 133 -3.90 -9.19 3.11
C SER B 133 -4.69 -8.26 4.02
N ALA B 134 -4.25 -8.08 5.26
CA ALA B 134 -4.90 -7.15 6.15
C ALA B 134 -4.85 -5.76 5.54
N PRO B 135 -5.95 -5.02 5.50
CA PRO B 135 -5.91 -3.71 4.86
C PRO B 135 -4.86 -2.83 5.50
N ALA B 136 -4.11 -2.12 4.67
CA ALA B 136 -2.93 -1.37 5.09
C ALA B 136 -2.61 -0.38 3.98
N ASN B 137 -2.01 0.75 4.34
CA ASN B 137 -1.60 1.69 3.30
C ASN B 137 -0.16 1.51 2.86
N ARG B 138 0.61 0.72 3.60
CA ARG B 138 2.02 0.49 3.36
C ARG B 138 2.33 -0.89 3.89
N GLY B 139 3.20 -1.61 3.23
CA GLY B 139 3.47 -2.94 3.71
C GLY B 139 4.66 -3.52 3.01
N ALA B 140 4.83 -4.82 3.23
CA ALA B 140 5.95 -5.50 2.63
C ALA B 140 5.46 -6.86 2.23
N THR B 141 6.17 -7.45 1.25
CA THR B 141 5.89 -8.78 0.71
C THR B 141 7.20 -9.56 0.58
N LEU B 142 7.24 -10.77 1.13
CA LEU B 142 8.36 -11.66 0.88
C LEU B 142 7.94 -12.66 -0.20
N MET B 143 8.91 -13.06 -1.00
CA MET B 143 8.71 -13.99 -2.11
C MET B 143 9.79 -15.03 -2.13
N LEU B 144 9.39 -16.31 -2.24
CA LEU B 144 10.37 -17.35 -2.36
C LEU B 144 10.64 -17.59 -3.84
N CYS B 145 11.87 -17.48 -4.28
CA CYS B 145 12.17 -17.78 -5.67
C CYS B 145 13.00 -19.05 -5.75
N ARG B 146 13.12 -19.57 -6.96
CA ARG B 146 14.04 -20.66 -7.21
C ARG B 146 14.73 -20.34 -8.50
N ALA B 147 16.06 -20.42 -8.50
CA ALA B 147 16.81 -20.11 -9.71
C ALA B 147 16.48 -21.15 -10.78
N THR B 148 16.13 -20.69 -11.99
CA THR B 148 15.81 -21.60 -13.09
C THR B 148 16.94 -21.69 -14.11
N LYS B 149 18.06 -21.07 -13.79
CA LYS B 149 19.27 -21.15 -14.60
C LYS B 149 20.42 -20.81 -13.68
N ASN B 150 21.65 -21.05 -14.10
CA ASN B 150 22.75 -20.57 -13.29
C ASN B 150 22.79 -19.07 -13.43
N ILE B 151 22.83 -18.36 -12.32
CA ILE B 151 22.84 -16.91 -12.35
C ILE B 151 24.25 -16.44 -12.11
N GLN B 152 24.79 -15.61 -13.01
CA GLN B 152 26.16 -15.22 -12.75
C GLN B 152 26.12 -14.12 -11.70
N THR B 153 27.27 -13.89 -11.08
CA THR B 153 27.43 -12.76 -10.19
C THR B 153 26.98 -11.48 -10.87
N PHE B 154 26.40 -10.59 -10.09
CA PHE B 154 25.99 -9.31 -10.65
C PHE B 154 26.15 -8.27 -9.55
N ASN B 155 26.14 -7.01 -9.94
CA ASN B 155 26.21 -5.99 -8.91
C ASN B 155 25.37 -4.80 -9.35
N PHE B 156 25.17 -3.88 -8.42
CA PHE B 156 24.42 -2.65 -8.63
C PHE B 156 24.64 -1.73 -7.44
N ALA B 157 24.41 -0.43 -7.67
CA ALA B 157 24.50 0.52 -6.59
C ALA B 157 23.11 0.75 -6.02
N ALA B 158 23.08 1.16 -4.76
CA ALA B 158 21.87 1.16 -3.98
C ALA B 158 22.12 1.93 -2.69
N THR B 159 21.04 2.42 -2.12
CA THR B 159 21.05 2.90 -0.77
C THR B 159 20.75 1.71 0.13
N VAL B 160 21.40 1.67 1.28
CA VAL B 160 21.24 0.55 2.20
C VAL B 160 20.51 1.05 3.45
N TYR B 161 19.63 0.19 3.98
CA TYR B 161 18.76 0.56 5.09
C TYR B 161 18.74 -0.53 6.14
N ILE B 162 18.50 -0.10 7.36
CA ILE B 162 18.34 -1.07 8.49
C ILE B 162 16.89 -0.97 8.93
N PRO B 163 16.10 -2.05 8.84
CA PRO B 163 14.72 -1.98 9.36
C PRO B 163 14.78 -2.24 10.86
N ALA B 164 14.09 -1.40 11.63
CA ALA B 164 14.11 -1.57 13.07
C ALA B 164 12.92 -0.87 13.68
N TYR B 165 12.47 -1.36 14.82
CA TYR B 165 11.41 -0.64 15.50
C TYR B 165 11.96 0.68 16.01
N LYS B 166 11.11 1.70 15.98
CA LYS B 166 11.41 3.02 16.47
C LYS B 166 10.22 3.50 17.31
N VAL B 167 10.50 4.08 18.46
CA VAL B 167 9.42 4.63 19.25
C VAL B 167 9.20 6.07 18.84
N VAL B 176 4.78 2.61 18.39
CA VAL B 176 5.95 1.97 17.78
C VAL B 176 5.64 1.77 16.31
N VAL B 177 6.65 2.01 15.45
CA VAL B 177 6.56 1.81 14.01
C VAL B 177 7.79 1.02 13.57
N LEU B 178 7.65 0.33 12.44
CA LEU B 178 8.79 -0.31 11.80
C LEU B 178 9.49 0.73 10.95
N ASN B 179 10.67 1.15 11.37
CA ASN B 179 11.38 2.21 10.70
C ASN B 179 12.44 1.63 9.77
N VAL B 180 12.33 1.95 8.47
CA VAL B 180 13.36 1.58 7.51
C VAL B 180 14.31 2.76 7.45
N ALA B 181 15.39 2.68 8.23
CA ALA B 181 16.28 3.81 8.43
C ALA B 181 17.42 3.77 7.42
N GLN B 182 17.67 4.90 6.77
CA GLN B 182 18.78 4.93 5.83
C GLN B 182 20.09 4.82 6.58
N TRP B 183 20.98 3.99 6.07
CA TRP B 183 22.27 3.77 6.74
C TRP B 183 23.37 4.38 5.87
N GLU B 184 23.57 3.83 4.67
CA GLU B 184 24.57 4.44 3.77
C GLU B 184 23.97 4.54 2.36
N ALA B 185 24.30 5.62 1.67
CA ALA B 185 23.84 5.76 0.29
C ALA B 185 24.92 5.32 -0.69
N ASN B 186 24.48 5.08 -1.92
CA ASN B 186 25.34 4.79 -3.07
C ASN B 186 26.44 3.79 -2.76
N LYS B 187 26.03 2.62 -2.34
CA LYS B 187 26.97 1.55 -2.10
C LYS B 187 26.84 0.54 -3.23
N THR B 188 27.92 -0.17 -3.50
CA THR B 188 27.90 -1.23 -4.49
C THR B 188 27.53 -2.52 -3.78
N LEU B 189 26.49 -3.17 -4.29
CA LEU B 189 26.02 -4.45 -3.75
C LEU B 189 26.32 -5.53 -4.78
N THR B 190 26.95 -6.60 -4.33
CA THR B 190 27.27 -7.68 -5.23
C THR B 190 26.57 -8.94 -4.76
N TYR B 191 26.08 -9.72 -5.72
CA TYR B 191 25.63 -11.04 -5.38
C TYR B 191 26.52 -12.06 -6.07
N PRO B 192 26.87 -13.14 -5.38
CA PRO B 192 27.70 -14.18 -6.01
C PRO B 192 26.87 -15.01 -6.99
N ALA B 193 27.53 -15.91 -7.69
CA ALA B 193 26.82 -16.82 -8.57
C ALA B 193 25.82 -17.65 -7.76
N ILE B 194 24.65 -17.87 -8.35
CA ILE B 194 23.57 -18.66 -7.75
C ILE B 194 23.32 -19.82 -8.72
N PRO B 195 23.65 -21.05 -8.31
CA PRO B 195 23.43 -22.21 -9.18
C PRO B 195 21.95 -22.39 -9.45
N LYS B 196 21.65 -22.92 -10.63
CA LYS B 196 20.28 -23.34 -10.92
C LYS B 196 19.73 -24.19 -9.79
N ASP B 197 18.44 -23.99 -9.52
CA ASP B 197 17.61 -24.70 -8.55
C ASP B 197 17.84 -24.18 -7.15
N THR B 198 18.71 -23.17 -6.97
CA THR B 198 18.92 -22.60 -5.64
C THR B 198 17.73 -21.75 -5.24
N TYR B 199 17.19 -22.03 -4.06
CA TYR B 199 16.14 -21.20 -3.48
C TYR B 199 16.73 -19.93 -2.90
N PHE B 200 15.98 -18.84 -3.02
CA PHE B 200 16.35 -17.56 -2.41
C PHE B 200 15.10 -16.74 -2.24
N MET B 201 15.25 -15.67 -1.49
CA MET B 201 14.07 -14.84 -1.20
C MET B 201 14.32 -13.39 -1.56
N VAL B 202 13.28 -12.74 -2.01
CA VAL B 202 13.31 -11.32 -2.31
C VAL B 202 12.17 -10.70 -1.52
N VAL B 203 12.28 -9.39 -1.31
CA VAL B 203 11.28 -8.62 -0.59
C VAL B 203 10.93 -7.43 -1.46
N THR B 204 9.66 -7.04 -1.44
CA THR B 204 9.18 -5.80 -2.03
C THR B 204 8.46 -5.04 -0.93
N MET B 205 8.32 -3.75 -1.12
CA MET B 205 7.93 -2.91 -0.01
C MET B 205 7.43 -1.60 -0.58
N GLY B 206 6.48 -0.97 0.11
CA GLY B 206 6.17 0.40 -0.19
C GLY B 206 4.72 0.70 0.11
N GLY B 207 4.26 1.82 -0.45
CA GLY B 207 2.91 2.26 -0.12
C GLY B 207 1.89 2.06 -1.22
N ALA B 208 2.22 1.21 -2.17
CA ALA B 208 1.29 0.81 -3.20
C ALA B 208 1.27 -0.72 -3.21
N SER B 209 0.19 -1.26 -3.76
CA SER B 209 0.06 -2.71 -3.73
C SER B 209 -0.82 -3.11 -4.88
N PHE B 210 -0.56 -4.31 -5.37
CA PHE B 210 -1.40 -4.96 -6.33
C PHE B 210 -1.42 -6.42 -5.91
N THR B 211 -2.34 -7.18 -6.46
CA THR B 211 -2.44 -8.57 -6.05
C THR B 211 -2.01 -9.48 -7.19
N ILE B 212 -1.42 -10.61 -6.80
CA ILE B 212 -1.17 -11.76 -7.66
C ILE B 212 -1.82 -12.93 -6.94
N GLN B 213 -2.88 -13.47 -7.52
CA GLN B 213 -3.70 -14.52 -6.85
C GLN B 213 -4.10 -13.85 -5.53
N ARG B 214 -3.97 -14.53 -4.38
CA ARG B 214 -4.34 -13.82 -3.18
C ARG B 214 -3.21 -12.93 -2.65
N TYR B 215 -2.03 -12.99 -3.23
CA TYR B 215 -0.88 -12.33 -2.64
C TYR B 215 -0.99 -10.84 -2.85
N VAL B 216 -0.81 -10.07 -1.78
CA VAL B 216 -0.76 -8.61 -1.81
C VAL B 216 0.71 -8.21 -1.93
N VAL B 217 1.06 -7.63 -3.05
CA VAL B 217 2.44 -7.33 -3.35
C VAL B 217 2.60 -5.84 -3.15
N TYR B 218 3.30 -5.50 -2.10
CA TYR B 218 3.62 -4.08 -1.86
C TYR B 218 4.79 -3.64 -2.73
N ASN B 219 4.75 -2.37 -3.15
CA ASN B 219 5.77 -1.85 -4.03
C ASN B 219 5.85 -0.33 -3.84
N GLU B 220 6.89 0.25 -4.45
CA GLU B 220 7.23 1.69 -4.52
C GLU B 220 8.62 1.83 -3.91
N GLY B 221 9.07 0.80 -3.20
CA GLY B 221 10.43 0.91 -2.74
C GLY B 221 10.53 1.84 -1.53
N ILE B 222 11.76 2.29 -1.29
CA ILE B 222 12.06 3.13 -0.14
C ILE B 222 12.62 4.44 -0.65
N GLY B 223 12.11 5.54 -0.13
CA GLY B 223 12.69 6.83 -0.44
C GLY B 223 13.97 7.05 0.34
N ASP B 224 14.02 8.14 1.10
CA ASP B 224 15.11 8.32 2.04
C ASP B 224 14.88 7.51 3.30
N GLY B 225 13.69 6.96 3.43
CA GLY B 225 13.28 6.27 4.60
C GLY B 225 11.85 5.87 4.37
N LEU B 226 11.43 4.89 5.16
CA LEU B 226 10.05 4.46 5.12
C LEU B 226 9.63 4.00 6.50
N GLU B 227 8.47 4.45 6.97
CA GLU B 227 7.88 3.95 8.20
C GLU B 227 6.73 3.03 7.85
N LEU B 228 6.80 1.78 8.31
CA LEU B 228 5.76 0.75 8.21
C LEU B 228 5.04 0.54 9.54
N PRO B 229 3.72 0.31 9.48
CA PRO B 229 2.98 -0.19 10.65
C PRO B 229 3.77 -1.27 11.38
N ALA B 230 3.79 -1.21 12.71
CA ALA B 230 4.56 -2.18 13.47
C ALA B 230 4.03 -3.60 13.23
N PHE B 231 2.78 -3.72 12.81
CA PHE B 231 2.11 -4.91 12.33
C PHE B 231 3.04 -5.74 11.46
N TRP B 232 3.88 -5.06 10.67
CA TRP B 232 4.69 -5.75 9.67
C TRP B 232 5.86 -6.52 10.30
N GLY B 233 6.21 -6.20 11.55
CA GLY B 233 7.26 -6.93 12.22
C GLY B 233 7.07 -8.43 12.14
N LYS B 234 5.88 -8.92 12.47
CA LYS B 234 5.64 -10.36 12.44
C LYS B 234 6.03 -10.97 11.10
N TYR B 235 5.61 -10.33 10.02
CA TYR B 235 5.80 -10.91 8.68
C TYR B 235 7.23 -10.83 8.23
N LEU B 236 8.05 -9.96 8.79
CA LEU B 236 9.45 -9.92 8.42
C LEU B 236 10.31 -10.68 9.41
N SER B 237 9.69 -11.39 10.33
CA SER B 237 10.42 -12.12 11.35
C SER B 237 10.55 -13.58 10.93
N GLN B 238 11.59 -14.27 11.41
CA GLN B 238 12.67 -13.75 12.25
C GLN B 238 13.84 -13.32 11.40
N LEU B 239 13.63 -13.33 10.10
CA LEU B 239 14.69 -12.96 9.13
C LEU B 239 15.22 -11.55 9.45
N TYR B 240 14.32 -10.60 9.54
CA TYR B 240 14.71 -9.21 9.82
C TYR B 240 14.76 -9.04 11.32
N GLY B 241 15.95 -9.13 11.86
CA GLY B 241 16.14 -8.88 13.29
C GLY B 241 17.55 -8.36 13.53
N PHE B 242 18.26 -8.95 14.49
CA PHE B 242 19.56 -8.36 14.83
C PHE B 242 20.71 -8.95 14.05
N SER B 243 20.56 -10.11 13.43
CA SER B 243 21.75 -10.78 12.94
CA SER B 243 21.76 -10.75 12.92
C SER B 243 21.43 -11.82 11.90
N TRP B 244 22.28 -11.89 10.87
CA TRP B 244 22.29 -13.01 9.97
C TRP B 244 23.49 -13.89 10.24
N SER B 245 24.27 -13.57 11.28
CA SER B 245 25.35 -14.47 11.68
C SER B 245 24.80 -15.73 12.30
N SER B 246 23.77 -15.58 13.15
CA SER B 246 23.08 -16.73 13.69
C SER B 246 22.01 -17.19 12.70
N PRO B 247 21.60 -18.46 12.80
CA PRO B 247 20.57 -18.95 11.86
C PRO B 247 19.26 -18.25 12.09
N THR B 248 18.47 -18.12 11.02
CA THR B 248 17.13 -17.60 11.20
C THR B 248 16.19 -18.20 10.17
N TYR B 249 14.98 -17.66 10.09
CA TYR B 249 14.06 -18.13 9.08
C TYR B 249 13.21 -16.97 8.60
N ALA B 250 12.63 -17.17 7.43
CA ALA B 250 11.53 -16.33 6.97
C ALA B 250 10.39 -17.27 6.64
N CYS B 251 9.18 -16.84 6.93
CA CYS B 251 8.03 -17.55 6.43
C CYS B 251 7.90 -17.31 4.92
N VAL B 252 7.49 -18.34 4.17
CA VAL B 252 7.33 -18.26 2.73
C VAL B 252 5.88 -18.47 2.32
N THR B 253 4.97 -18.58 3.27
CA THR B 253 3.59 -18.88 2.93
C THR B 253 2.70 -17.72 3.36
N TRP B 254 1.52 -17.63 2.76
CA TRP B 254 0.70 -16.42 2.94
C TRP B 254 0.03 -16.35 4.33
N GLU B 255 -0.13 -15.10 4.84
CA GLU B 255 -0.79 -14.87 6.12
C GLU B 255 -0.51 -15.99 7.12
N PRO B 256 0.73 -16.17 7.53
CA PRO B 256 1.05 -17.18 8.55
C PRO B 256 0.29 -16.89 9.83
N ILE B 257 -0.34 -17.94 10.36
CA ILE B 257 -0.95 -17.93 11.70
C ILE B 257 -0.13 -18.87 12.56
N TYR B 258 0.55 -18.32 13.55
CA TYR B 258 1.35 -19.17 14.40
C TYR B 258 0.58 -19.72 15.59
N SER C 33 2.07 51.73 -3.88
CA SER C 33 2.72 50.54 -3.31
C SER C 33 1.75 49.39 -3.08
N TYR C 34 2.30 48.17 -3.03
CA TYR C 34 1.50 46.97 -2.80
C TYR C 34 2.42 45.92 -2.18
N PRO C 35 2.75 46.09 -0.90
CA PRO C 35 3.65 45.15 -0.25
C PRO C 35 2.90 43.89 0.16
N MET C 36 3.60 42.77 0.05
CA MET C 36 3.05 41.54 0.60
C MET C 36 3.15 41.61 2.12
N THR C 37 2.18 40.99 2.80
CA THR C 37 2.20 40.83 4.26
C THR C 37 2.51 39.38 4.63
N PRO C 38 2.87 39.13 5.89
CA PRO C 38 3.05 37.72 6.32
C PRO C 38 1.79 36.87 6.20
N SER C 39 0.62 37.49 6.03
CA SER C 39 -0.62 36.75 5.81
C SER C 39 -1.02 36.71 4.34
N SER C 40 -0.19 37.24 3.44
CA SER C 40 -0.52 37.35 2.02
CA SER C 40 -0.59 37.34 2.04
C SER C 40 -0.32 36.02 1.30
N LEU C 41 -1.15 35.78 0.30
CA LEU C 41 -0.96 34.68 -0.62
C LEU C 41 -0.04 35.21 -1.72
N VAL C 42 1.16 34.66 -1.82
CA VAL C 42 2.18 35.14 -2.73
C VAL C 42 2.58 34.01 -3.68
N LEU C 43 2.58 34.34 -4.96
CA LEU C 43 2.96 33.49 -6.06
C LEU C 43 4.34 33.90 -6.56
N MET C 44 5.23 32.95 -6.70
CA MET C 44 6.56 33.22 -7.24
C MET C 44 6.45 32.91 -8.72
N ALA C 45 6.43 33.93 -9.57
CA ALA C 45 6.11 33.74 -10.98
C ALA C 45 7.32 34.07 -11.85
N GLY C 46 7.44 33.40 -12.99
CA GLY C 46 8.59 33.64 -13.85
C GLY C 46 8.83 32.45 -14.79
N TYR C 47 10.05 32.37 -15.30
CA TYR C 47 10.44 31.27 -16.16
C TYR C 47 11.28 30.31 -15.35
N PHE C 48 10.69 29.16 -15.03
CA PHE C 48 11.32 28.20 -14.16
C PHE C 48 12.25 27.27 -14.92
N SER C 49 13.28 26.81 -14.23
CA SER C 49 14.17 25.83 -14.81
C SER C 49 14.64 24.90 -13.70
N GLY C 50 14.76 23.64 -14.04
CA GLY C 50 15.25 22.68 -13.10
C GLY C 50 16.70 22.38 -13.37
N PRO C 51 17.10 21.16 -13.05
CA PRO C 51 18.48 20.77 -13.28
C PRO C 51 18.72 20.62 -14.76
N GLU C 52 19.95 20.91 -15.16
CA GLU C 52 20.39 20.54 -16.49
C GLU C 52 20.77 19.06 -16.49
N ILE C 53 20.28 18.33 -17.47
CA ILE C 53 20.57 16.89 -17.60
C ILE C 53 21.13 16.57 -18.96
N GLY C 58 15.91 16.52 -20.10
CA GLY C 58 14.50 16.80 -19.83
C GLY C 58 14.13 18.28 -19.91
N LYS C 59 14.75 18.98 -20.85
CA LYS C 59 14.58 20.43 -20.95
C LYS C 59 13.11 20.78 -21.08
N TYR C 60 12.66 21.68 -20.21
CA TYR C 60 11.33 22.30 -20.13
C TYR C 60 10.31 21.35 -19.52
N MET C 61 10.69 20.16 -19.12
CA MET C 61 9.69 19.27 -18.53
C MET C 61 9.67 19.46 -17.03
N PRO C 62 8.51 19.69 -16.39
CA PRO C 62 8.49 19.81 -14.93
C PRO C 62 8.85 18.48 -14.30
N LEU C 63 10.01 18.42 -13.64
CA LEU C 63 10.62 17.17 -13.19
C LEU C 63 10.83 17.20 -11.68
N LEU C 64 10.74 16.02 -11.10
CA LEU C 64 11.10 15.84 -9.69
C LEU C 64 12.27 14.85 -9.71
N PHE C 65 13.03 14.76 -8.64
CA PHE C 65 14.14 13.84 -8.64
C PHE C 65 14.32 13.24 -7.26
N GLN C 66 14.98 12.10 -7.26
CA GLN C 66 15.35 11.45 -5.98
C GLN C 66 16.86 11.30 -6.04
N GLN C 67 17.55 12.04 -5.19
CA GLN C 67 19.00 12.05 -5.19
C GLN C 67 19.54 10.71 -4.72
N ASN C 68 20.56 10.26 -5.42
CA ASN C 68 21.27 9.04 -5.06
C ASN C 68 22.04 9.22 -3.76
N THR C 69 22.51 10.43 -3.49
CA THR C 69 23.28 10.74 -2.31
C THR C 69 22.63 11.93 -1.63
N SER C 70 23.22 12.40 -0.54
CA SER C 70 22.60 13.51 0.20
C SER C 70 23.18 14.84 -0.23
N LYS C 71 23.01 15.18 -1.50
CA LYS C 71 23.69 16.36 -2.02
C LYS C 71 23.04 17.66 -1.53
N VAL C 72 21.73 17.81 -1.74
CA VAL C 72 21.03 19.03 -1.36
C VAL C 72 20.00 18.67 -0.31
N THR C 73 20.16 19.23 0.88
CA THR C 73 19.24 18.95 1.97
C THR C 73 18.59 20.22 2.48
N PHE C 74 17.39 20.06 3.02
CA PHE C 74 16.78 21.04 3.88
C PHE C 74 17.15 20.69 5.31
N ARG C 75 17.59 21.68 6.09
CA ARG C 75 17.96 21.44 7.47
C ARG C 75 17.31 22.51 8.34
N SER C 76 16.65 22.05 9.40
CA SER C 76 16.16 22.94 10.45
C SER C 76 16.24 22.21 11.77
N GLY C 77 16.90 22.82 12.76
CA GLY C 77 17.10 22.14 14.03
C GLY C 77 17.74 20.79 13.79
N SER C 78 17.09 19.74 14.30
CA SER C 78 17.60 18.38 14.19
C SER C 78 17.16 17.67 12.92
N HIS C 79 16.31 18.29 12.09
CA HIS C 79 15.85 17.64 10.88
C HIS C 79 16.75 17.98 9.71
N THR C 80 17.13 16.94 8.94
CA THR C 80 17.94 17.07 7.73
C THR C 80 17.27 16.20 6.68
N ILE C 81 16.70 16.78 5.63
CA ILE C 81 15.92 16.01 4.67
C ILE C 81 16.33 16.40 3.25
N LYS C 82 16.39 15.40 2.39
CA LYS C 82 16.77 15.63 0.99
C LYS C 82 15.59 16.25 0.24
N ILE C 83 15.87 17.18 -0.65
CA ILE C 83 14.83 17.78 -1.47
C ILE C 83 14.64 16.91 -2.70
N VAL C 84 13.42 16.99 -3.26
CA VAL C 84 13.03 16.21 -4.47
C VAL C 84 12.88 17.16 -5.66
N SER C 85 13.06 18.45 -5.42
CA SER C 85 13.11 19.39 -6.56
C SER C 85 13.83 20.69 -6.21
N MET C 86 14.48 21.29 -7.19
CA MET C 86 15.15 22.59 -7.02
C MET C 86 14.95 23.37 -8.32
N VAL C 87 14.20 24.44 -8.23
CA VAL C 87 13.91 25.18 -9.44
C VAL C 87 14.47 26.59 -9.29
N LEU C 88 15.15 27.04 -10.33
CA LEU C 88 15.61 28.41 -10.50
C LEU C 88 14.55 29.15 -11.30
N VAL C 89 14.52 30.47 -11.11
CA VAL C 89 13.45 31.25 -11.73
C VAL C 89 14.09 32.45 -12.40
N ASP C 90 13.85 32.57 -13.67
CA ASP C 90 14.28 33.75 -14.41
CA ASP C 90 14.28 33.73 -14.43
C ASP C 90 13.10 34.70 -14.54
N ARG C 91 13.37 36.02 -14.63
CA ARG C 91 12.34 37.06 -14.79
C ARG C 91 11.35 36.97 -13.63
N LEU C 92 11.88 36.80 -12.42
CA LEU C 92 11.04 36.58 -11.25
C LEU C 92 10.12 37.76 -10.95
N MET C 93 8.87 37.42 -10.60
CA MET C 93 7.89 38.40 -10.17
C MET C 93 7.17 37.81 -8.99
N TRP C 94 6.85 38.64 -8.01
CA TRP C 94 6.01 38.22 -6.89
C TRP C 94 4.59 38.73 -7.14
N LEU C 95 3.65 37.80 -7.26
CA LEU C 95 2.31 38.09 -7.68
C LEU C 95 1.33 37.74 -6.57
N ASP C 96 0.21 38.47 -6.52
CA ASP C 96 -0.86 38.02 -5.65
C ASP C 96 -1.74 37.07 -6.44
N LYS C 97 -2.83 36.63 -5.83
CA LYS C 97 -3.70 35.64 -6.47
C LYS C 97 -4.45 36.22 -7.64
N HIS C 98 -4.29 37.50 -7.94
CA HIS C 98 -5.05 38.11 -9.01
C HIS C 98 -4.06 38.55 -10.08
N PHE C 99 -2.79 38.18 -9.88
CA PHE C 99 -1.65 38.44 -10.76
C PHE C 99 -1.20 39.90 -10.70
N ASN C 100 -1.64 40.65 -9.70
CA ASN C 100 -1.05 41.93 -9.38
C ASN C 100 0.35 41.69 -8.82
N GLN C 101 1.29 42.55 -9.19
CA GLN C 101 2.67 42.38 -8.76
C GLN C 101 2.88 43.14 -7.44
N TYR C 102 3.29 42.43 -6.42
CA TYR C 102 3.72 43.05 -5.17
C TYR C 102 4.96 43.90 -5.40
N THR C 103 5.10 44.98 -4.61
CA THR C 103 6.21 45.90 -4.79
C THR C 103 7.39 45.59 -3.88
N ASN C 104 7.23 44.62 -2.98
CA ASN C 104 8.28 44.25 -2.05
C ASN C 104 8.70 42.81 -2.30
N GLU C 105 9.33 42.21 -1.30
CA GLU C 105 10.05 40.94 -1.36
C GLU C 105 9.66 40.04 -0.22
N PRO C 106 9.66 38.73 -0.42
CA PRO C 106 9.41 37.83 0.71
C PRO C 106 10.44 37.94 1.81
N ASP C 107 11.71 38.10 1.44
CA ASP C 107 12.74 38.19 2.47
C ASP C 107 12.55 39.43 3.33
N GLY C 108 12.40 39.23 4.62
CA GLY C 108 12.08 40.31 5.54
C GLY C 108 10.63 40.38 5.92
N VAL C 109 9.76 39.70 5.20
CA VAL C 109 8.35 39.62 5.55
C VAL C 109 8.06 38.32 6.27
N PHE C 110 8.50 37.22 5.70
CA PHE C 110 8.22 35.91 6.31
C PHE C 110 9.49 35.52 7.06
N GLY C 111 9.38 34.70 8.09
CA GLY C 111 10.59 34.44 8.92
C GLY C 111 11.66 33.62 8.22
N ASP C 112 12.52 32.99 8.98
CA ASP C 112 13.54 32.07 8.40
C ASP C 112 13.28 30.76 9.15
N VAL C 113 12.89 29.73 8.43
CA VAL C 113 12.49 28.46 9.10
C VAL C 113 13.47 27.34 8.75
N GLY C 114 14.62 27.69 8.21
CA GLY C 114 15.61 26.66 7.98
C GLY C 114 16.58 27.09 6.92
N ASN C 115 17.38 26.11 6.54
CA ASN C 115 18.43 26.40 5.56
C ASN C 115 18.55 25.29 4.54
N VAL C 116 19.06 25.66 3.39
CA VAL C 116 19.31 24.70 2.33
C VAL C 116 20.81 24.50 2.31
N PHE C 117 21.23 23.24 2.35
CA PHE C 117 22.63 22.83 2.40
C PHE C 117 23.01 22.11 1.11
N VAL C 118 24.18 22.44 0.60
CA VAL C 118 24.78 21.70 -0.54
C VAL C 118 25.98 21.01 0.13
N ASP C 119 26.00 19.69 0.19
CA ASP C 119 27.00 18.95 1.01
C ASP C 119 26.82 19.42 2.45
N ASN C 120 27.89 19.88 3.10
CA ASN C 120 27.74 20.46 4.46
C ASN C 120 27.84 21.97 4.38
N ASP C 121 27.66 22.51 3.17
CA ASP C 121 27.76 23.98 2.96
C ASP C 121 26.37 24.61 3.05
N ASN C 122 26.16 25.42 4.07
CA ASN C 122 24.92 26.18 4.22
C ASN C 122 24.88 27.27 3.15
N VAL C 123 23.96 27.15 2.20
CA VAL C 123 23.99 28.01 1.01
C VAL C 123 22.82 28.95 0.94
N ALA C 124 21.79 28.78 1.77
CA ALA C 124 20.57 29.55 1.55
C ALA C 124 19.70 29.49 2.78
N LYS C 125 18.91 30.55 2.97
CA LYS C 125 17.87 30.57 3.97
C LYS C 125 16.55 30.13 3.35
N VAL C 126 15.71 29.49 4.15
CA VAL C 126 14.34 29.20 3.75
C VAL C 126 13.40 30.20 4.41
N ILE C 127 12.72 31.00 3.61
CA ILE C 127 11.89 32.13 4.12
C ILE C 127 10.44 31.72 4.40
N THR C 128 9.86 30.95 3.51
CA THR C 128 8.47 30.60 3.70
C THR C 128 8.24 29.26 3.02
N MET C 129 7.12 28.65 3.31
CA MET C 129 6.77 27.37 2.73
C MET C 129 5.33 27.36 2.30
N SER C 130 5.06 26.54 1.28
CA SER C 130 3.69 26.35 0.86
C SER C 130 3.33 24.88 1.01
N GLY C 131 2.06 24.64 1.22
CA GLY C 131 1.54 23.33 1.46
C GLY C 131 0.29 23.47 2.29
N SER C 132 -0.07 22.38 2.95
CA SER C 132 -1.31 22.39 3.69
C SER C 132 -1.09 21.76 5.06
N SER C 133 -1.87 22.21 6.02
CA SER C 133 -1.87 21.58 7.32
C SER C 133 -2.88 20.44 7.41
N ALA C 134 -3.59 20.17 6.31
CA ALA C 134 -4.71 19.23 6.35
C ALA C 134 -4.20 17.83 6.63
N PRO C 135 -4.94 17.02 7.38
CA PRO C 135 -4.44 15.69 7.72
C PRO C 135 -4.16 14.87 6.47
N ALA C 136 -2.95 14.35 6.39
CA ALA C 136 -2.52 13.55 5.24
C ALA C 136 -1.52 12.48 5.71
N ASN C 137 -1.57 11.29 5.08
CA ASN C 137 -0.51 10.29 5.24
C ASN C 137 0.68 10.56 4.34
N ARG C 138 0.51 11.40 3.33
CA ARG C 138 1.51 11.60 2.30
C ARG C 138 1.29 13.01 1.78
N GLY C 139 2.36 13.69 1.46
CA GLY C 139 2.19 15.01 0.88
C GLY C 139 3.48 15.62 0.41
N ALA C 140 3.42 16.95 0.22
CA ALA C 140 4.53 17.65 -0.37
C ALA C 140 4.59 19.04 0.23
N THR C 141 5.78 19.59 0.23
CA THR C 141 6.00 20.92 0.80
C THR C 141 6.90 21.71 -0.13
N LEU C 142 6.48 22.91 -0.47
CA LEU C 142 7.34 23.79 -1.27
C LEU C 142 8.00 24.77 -0.34
N MET C 143 9.24 25.11 -0.63
CA MET C 143 9.98 26.01 0.25
C MET C 143 10.65 27.06 -0.61
N LEU C 144 10.42 28.33 -0.26
CA LEU C 144 11.08 29.44 -0.91
C LEU C 144 12.42 29.66 -0.24
N CYS C 145 13.49 29.61 -1.04
CA CYS C 145 14.84 29.77 -0.54
C CYS C 145 15.44 31.06 -1.08
N ARG C 146 16.50 31.52 -0.43
CA ARG C 146 17.27 32.65 -0.97
C ARG C 146 18.74 32.37 -0.72
N ALA C 147 19.54 32.40 -1.78
CA ALA C 147 20.97 32.16 -1.65
C ALA C 147 21.62 33.19 -0.72
N THR C 148 22.41 32.70 0.23
CA THR C 148 23.08 33.55 1.19
C THR C 148 24.58 33.66 0.90
N LYS C 149 25.06 32.97 -0.14
CA LYS C 149 26.39 33.14 -0.69
C LYS C 149 26.30 32.81 -2.18
N ASN C 150 27.43 32.91 -2.87
CA ASN C 150 27.49 32.50 -4.30
C ASN C 150 27.66 30.98 -4.35
N ILE C 151 26.59 30.28 -4.69
CA ILE C 151 26.61 28.83 -4.76
C ILE C 151 27.33 28.43 -6.04
N GLN C 152 28.44 27.70 -5.91
CA GLN C 152 29.09 27.27 -7.14
C GLN C 152 28.29 26.16 -7.81
N THR C 153 28.55 25.95 -9.10
CA THR C 153 27.86 24.89 -9.81
C THR C 153 28.17 23.55 -9.14
N PHE C 154 27.22 22.64 -9.20
CA PHE C 154 27.38 21.34 -8.56
C PHE C 154 26.54 20.34 -9.33
N ASN C 155 26.82 19.06 -9.09
CA ASN C 155 26.05 18.03 -9.76
C ASN C 155 25.82 16.88 -8.79
N PHE C 156 24.95 15.97 -9.20
CA PHE C 156 24.61 14.80 -8.41
C PHE C 156 23.86 13.86 -9.33
N ALA C 157 23.87 12.59 -8.97
CA ALA C 157 23.14 11.58 -9.72
C ALA C 157 21.79 11.38 -9.05
N ALA C 158 20.76 11.14 -9.87
CA ALA C 158 19.42 11.05 -9.33
C ALA C 158 18.54 10.27 -10.29
N THR C 159 17.43 9.79 -9.77
CA THR C 159 16.35 9.31 -10.59
C THR C 159 15.42 10.50 -10.82
N VAL C 160 15.00 10.64 -12.07
CA VAL C 160 14.12 11.75 -12.49
C VAL C 160 12.68 11.22 -12.60
N TYR C 161 11.70 12.00 -12.16
CA TYR C 161 10.30 11.63 -12.16
C TYR C 161 9.50 12.78 -12.74
N ILE C 162 8.31 12.43 -13.22
CA ILE C 162 7.34 13.33 -13.79
C ILE C 162 6.07 13.23 -12.96
N PRO C 163 5.67 14.28 -12.25
CA PRO C 163 4.41 14.23 -11.50
C PRO C 163 3.24 14.49 -12.44
N ALA C 164 2.22 13.67 -12.36
CA ALA C 164 1.05 13.87 -13.22
C ALA C 164 -0.13 13.11 -12.61
N TYR C 165 -1.35 13.59 -12.86
CA TYR C 165 -2.51 12.87 -12.40
C TYR C 165 -2.57 11.55 -13.15
N LYS C 166 -3.05 10.53 -12.47
CA LYS C 166 -3.25 9.20 -13.02
C LYS C 166 -4.62 8.72 -12.57
N VAL C 167 -5.41 8.18 -13.50
CA VAL C 167 -6.71 7.61 -13.15
C VAL C 167 -6.51 6.18 -12.69
N VAL C 176 -8.61 9.35 -9.06
CA VAL C 176 -7.48 10.06 -9.63
C VAL C 176 -6.50 10.35 -8.50
N VAL C 177 -5.21 10.12 -8.77
CA VAL C 177 -4.17 10.39 -7.80
C VAL C 177 -3.08 11.19 -8.48
N LEU C 178 -2.29 11.87 -7.65
CA LEU C 178 -1.09 12.58 -8.15
C LEU C 178 0.01 11.53 -8.20
N ASN C 179 0.38 11.11 -9.38
CA ASN C 179 1.38 10.08 -9.60
C ASN C 179 2.75 10.72 -9.81
N VAL C 180 3.72 10.31 -9.02
CA VAL C 180 5.11 10.68 -9.25
C VAL C 180 5.74 9.49 -9.95
N ALA C 181 5.85 9.58 -11.26
CA ALA C 181 6.18 8.45 -12.11
C ALA C 181 7.67 8.52 -12.50
N GLN C 182 8.37 7.42 -12.25
CA GLN C 182 9.79 7.37 -12.59
C GLN C 182 9.95 7.48 -14.09
N TRP C 183 10.89 8.31 -14.51
CA TRP C 183 11.14 8.47 -15.97
C TRP C 183 12.46 7.80 -16.30
N GLU C 184 13.54 8.29 -15.72
CA GLU C 184 14.84 7.71 -16.00
C GLU C 184 15.65 7.70 -14.72
N ALA C 185 16.37 6.61 -14.52
CA ALA C 185 17.21 6.42 -13.36
C ALA C 185 18.64 6.84 -13.65
N ASN C 186 19.36 7.15 -12.58
CA ASN C 186 20.79 7.45 -12.61
C ASN C 186 21.18 8.41 -13.72
N LYS C 187 20.54 9.57 -13.71
CA LYS C 187 20.91 10.66 -14.58
C LYS C 187 21.72 11.67 -13.78
N THR C 188 22.65 12.35 -14.45
CA THR C 188 23.48 13.34 -13.78
C THR C 188 22.80 14.69 -13.89
N LEU C 189 22.53 15.29 -12.74
CA LEU C 189 21.76 16.54 -12.71
C LEU C 189 22.71 17.66 -12.29
N THR C 190 22.73 18.75 -13.04
CA THR C 190 23.67 19.82 -12.78
C THR C 190 22.91 21.13 -12.59
N TYR C 191 23.32 21.86 -11.56
CA TYR C 191 22.77 23.21 -11.32
C TYR C 191 23.87 24.20 -11.59
N PRO C 192 23.53 25.32 -12.24
CA PRO C 192 24.53 26.33 -12.52
C PRO C 192 24.90 27.13 -11.27
N ALA C 193 25.93 27.96 -11.40
CA ALA C 193 26.28 28.88 -10.30
C ALA C 193 25.06 29.72 -9.97
N ILE C 194 24.74 29.82 -8.69
CA ILE C 194 23.59 30.65 -8.22
C ILE C 194 24.20 31.79 -7.41
N PRO C 195 24.01 33.06 -7.83
CA PRO C 195 24.59 34.19 -7.09
C PRO C 195 23.86 34.43 -5.78
N LYS C 196 24.60 35.00 -4.85
CA LYS C 196 24.01 35.43 -3.58
C LYS C 196 22.77 36.27 -3.84
N ASP C 197 21.81 36.19 -2.94
CA ASP C 197 20.52 36.87 -2.99
C ASP C 197 19.54 36.26 -4.01
N THR C 198 19.90 35.22 -4.74
CA THR C 198 18.99 34.69 -5.76
C THR C 198 17.90 33.86 -5.06
N TYR C 199 16.65 34.13 -5.41
CA TYR C 199 15.55 33.30 -4.88
C TYR C 199 15.44 32.00 -5.67
N PHE C 200 15.13 30.94 -4.97
CA PHE C 200 14.88 29.67 -5.68
C PHE C 200 13.90 28.88 -4.83
N MET C 201 13.46 27.79 -5.38
CA MET C 201 12.50 26.96 -4.63
C MET C 201 12.98 25.52 -4.53
N VAL C 202 12.67 24.90 -3.40
CA VAL C 202 12.93 23.44 -3.25
C VAL C 202 11.60 22.78 -2.87
N VAL C 203 11.48 21.51 -3.17
CA VAL C 203 10.32 20.70 -2.81
C VAL C 203 10.82 19.54 -1.94
N THR C 204 10.07 19.23 -0.90
CA THR C 204 10.26 18.00 -0.16
C THR C 204 8.96 17.25 -0.24
N MET C 205 9.03 15.93 -0.14
CA MET C 205 7.86 15.13 -0.40
C MET C 205 8.03 13.82 0.34
N GLY C 206 6.90 13.18 0.63
CA GLY C 206 6.96 11.77 1.03
C GLY C 206 5.85 11.43 2.01
N GLY C 207 6.01 10.29 2.67
CA GLY C 207 4.99 9.79 3.55
C GLY C 207 5.21 10.06 5.02
N ALA C 208 6.15 10.93 5.36
CA ALA C 208 6.36 11.33 6.75
C ALA C 208 6.25 12.84 6.81
N SER C 209 6.05 13.38 8.02
CA SER C 209 6.02 14.83 8.12
C SER C 209 6.37 15.25 9.54
N PHE C 210 6.92 16.45 9.65
CA PHE C 210 7.15 17.12 10.92
C PHE C 210 6.73 18.56 10.73
N THR C 211 6.56 19.26 11.84
CA THR C 211 6.15 20.65 11.76
C THR C 211 7.33 21.54 12.08
N ILE C 212 7.42 22.65 11.36
CA ILE C 212 8.27 23.76 11.72
C ILE C 212 7.32 24.95 11.83
N GLN C 213 7.08 25.39 13.07
CA GLN C 213 6.11 26.46 13.33
C GLN C 213 4.77 25.96 12.81
N ARG C 214 4.08 26.71 11.95
CA ARG C 214 2.77 26.27 11.38
C ARG C 214 2.96 25.39 10.13
N TYR C 215 4.20 25.16 9.72
CA TYR C 215 4.44 24.48 8.46
C TYR C 215 4.53 22.98 8.68
N VAL C 216 4.04 22.22 7.71
CA VAL C 216 4.12 20.76 7.74
C VAL C 216 5.09 20.37 6.63
N VAL C 217 6.22 19.80 7.01
CA VAL C 217 7.27 19.47 6.06
C VAL C 217 7.19 17.98 5.76
N TYR C 218 6.69 17.64 4.59
CA TYR C 218 6.64 16.25 4.19
C TYR C 218 8.03 15.79 3.78
N ASN C 219 8.35 14.53 4.08
CA ASN C 219 9.65 14.00 3.74
C ASN C 219 9.53 12.49 3.63
N GLU C 220 10.65 11.87 3.28
CA GLU C 220 10.86 10.45 2.99
C GLU C 220 11.18 10.33 1.51
N GLY C 221 10.86 11.36 0.72
CA GLY C 221 11.29 11.30 -0.67
C GLY C 221 10.48 10.33 -1.50
N ILE C 222 11.09 9.88 -2.59
CA ILE C 222 10.43 9.05 -3.60
C ILE C 222 11.24 7.78 -3.78
N GLY C 223 10.58 6.62 -3.66
CA GLY C 223 11.23 5.37 -4.02
C GLY C 223 11.23 5.14 -5.53
N ASP C 224 10.60 4.05 -5.97
CA ASP C 224 10.41 3.84 -7.39
C ASP C 224 9.32 4.76 -7.94
N GLY C 225 8.45 5.24 -7.08
CA GLY C 225 7.41 6.14 -7.47
C GLY C 225 6.67 6.53 -6.22
N LEU C 226 5.69 7.40 -6.39
CA LEU C 226 4.94 7.82 -5.23
C LEU C 226 3.58 8.31 -5.68
N GLU C 227 2.55 7.87 -5.00
CA GLU C 227 1.17 8.20 -5.31
C GLU C 227 0.68 9.16 -4.25
N LEU C 228 0.34 10.38 -4.67
CA LEU C 228 -0.12 11.34 -3.68
C LEU C 228 -1.61 11.57 -3.87
N PRO C 229 -2.37 11.86 -2.82
CA PRO C 229 -3.77 12.26 -3.01
C PRO C 229 -3.86 13.43 -3.98
N ALA C 230 -4.86 13.42 -4.87
CA ALA C 230 -5.02 14.51 -5.89
C ALA C 230 -5.12 15.88 -5.20
N PHE C 231 -5.52 15.92 -3.94
CA PHE C 231 -5.53 17.15 -3.12
C PHE C 231 -4.26 17.96 -3.33
N TRP C 232 -3.14 17.27 -3.43
CA TRP C 232 -1.84 17.98 -3.54
C TRP C 232 -1.69 18.75 -4.85
N GLY C 233 -2.52 18.46 -5.85
CA GLY C 233 -2.29 19.11 -7.13
C GLY C 233 -2.37 20.63 -7.03
N LYS C 234 -3.40 21.12 -6.33
CA LYS C 234 -3.53 22.57 -6.10
C LYS C 234 -2.25 23.18 -5.58
N TYR C 235 -1.54 22.46 -4.70
CA TYR C 235 -0.40 23.07 -4.02
C TYR C 235 0.86 22.97 -4.84
N LEU C 236 0.90 22.04 -5.80
CA LEU C 236 1.98 21.93 -6.76
C LEU C 236 1.72 22.69 -8.06
N SER C 237 0.66 23.48 -8.11
CA SER C 237 0.24 24.23 -9.28
C SER C 237 0.66 25.69 -9.14
N GLN C 238 0.81 26.40 -10.27
CA GLN C 238 0.89 25.85 -11.62
C GLN C 238 2.30 25.39 -12.02
N LEU C 239 3.23 25.37 -11.06
CA LEU C 239 4.64 24.99 -11.32
C LEU C 239 4.67 23.63 -12.00
N TYR C 240 4.05 22.66 -11.37
CA TYR C 240 4.10 21.29 -11.91
C TYR C 240 2.94 21.13 -12.86
N GLY C 241 3.22 21.35 -14.12
CA GLY C 241 2.18 21.15 -15.10
C GLY C 241 2.86 20.57 -16.31
N PHE C 242 2.51 21.08 -17.48
CA PHE C 242 3.03 20.49 -18.71
C PHE C 242 4.35 21.07 -19.14
N SER C 243 4.70 22.27 -18.68
CA SER C 243 5.83 22.91 -19.33
C SER C 243 6.47 23.98 -18.48
N TRP C 244 7.78 24.07 -18.56
CA TRP C 244 8.51 25.23 -18.06
C TRP C 244 9.09 26.08 -19.18
N SER C 245 8.80 25.73 -20.45
CA SER C 245 9.01 26.66 -21.55
C SER C 245 8.14 27.90 -21.38
N SER C 246 6.88 27.70 -21.05
CA SER C 246 5.98 28.81 -20.82
C SER C 246 6.13 29.27 -19.38
N PRO C 247 5.79 30.51 -19.08
CA PRO C 247 5.92 31.02 -17.70
C PRO C 247 4.94 30.36 -16.75
N THR C 248 5.32 30.30 -15.48
CA THR C 248 4.38 29.72 -14.55
C THR C 248 4.65 30.28 -13.18
N TYR C 249 4.08 29.66 -12.16
CA TYR C 249 4.32 30.17 -10.84
C TYR C 249 4.18 29.03 -9.86
N ALA C 250 4.74 29.23 -8.68
CA ALA C 250 4.49 28.40 -7.53
C ALA C 250 4.03 29.30 -6.39
N CYS C 251 3.07 28.81 -5.62
CA CYS C 251 2.71 29.49 -4.38
C CYS C 251 3.82 29.30 -3.37
N VAL C 252 4.14 30.35 -2.61
CA VAL C 252 5.22 30.25 -1.64
C VAL C 252 4.75 30.46 -0.21
N THR C 253 3.46 30.63 0.01
CA THR C 253 2.93 30.91 1.33
C THR C 253 2.03 29.75 1.75
N TRP C 254 1.77 29.69 3.06
CA TRP C 254 1.14 28.54 3.66
C TRP C 254 -0.36 28.51 3.43
N GLU C 255 -0.89 27.30 3.18
CA GLU C 255 -2.31 27.03 3.13
C GLU C 255 -3.05 28.03 2.22
N PRO C 256 -2.59 28.19 0.97
CA PRO C 256 -3.23 29.16 0.07
C PRO C 256 -4.71 28.84 -0.08
N ILE C 257 -5.52 29.87 0.04
CA ILE C 257 -6.98 29.73 -0.20
C ILE C 257 -7.31 30.71 -1.32
N TYR C 258 -7.58 30.18 -2.52
CA TYR C 258 -7.77 31.07 -3.65
C TYR C 258 -9.20 31.51 -3.65
#